data_1YN7
#
_entry.id   1YN7
#
_cell.length_a   56.306
_cell.length_b   56.306
_cell.length_c   274.272
_cell.angle_alpha   90.00
_cell.angle_beta   90.00
_cell.angle_gamma   90.00
#
_symmetry.space_group_name_H-M   'P 43 21 2'
#
loop_
_entity.id
_entity.type
_entity.pdbx_description
1 polymer 'H-2 class I histocompatibility antigen, D-B alpha chain'
2 polymer Beta-2-microglobulin
3 polymer '10-mer peptide from RNA-directed RNA polymerase subunit P2'
4 water water
#
loop_
_entity_poly.entity_id
_entity_poly.type
_entity_poly.pdbx_seq_one_letter_code
_entity_poly.pdbx_strand_id
1 'polypeptide(L)'
;PHSMRYFETAVSRPGLEEPRYISVGYVDNKEFVRFDSDAENPRYEPRAPWMEQEGPEYWERETQKAKGQEQWFRVSLRNL
LGYYNQSAGGSHTLQQMSGCDLGSDWRLLRGYLQFAYEGRDYIALNEDLKTWTAADMAAQITRRKWEQSGAAEHYKAYLE
GECVEWLHRYLKNGNATLLRTDSPKAHVTHHPRSKGEVTLRCWALGFYPADITLTWQLNGEELTQDMELVETRPAGDGTF
QKWASVVVPLGKEQNYTCRVYHEGLPEPLTLRW
;
A
2 'polypeptide(L)'
;MIQKTPQIQVYSRHPPENGKPNILNCYVTQFHPPHIEIQMLKNGKKIPKVEMSDMSFSKDWSFYILAHTEFTPTETDTYA
CRVKHDSMAEPKTVYWDRDM
;
B
3 'polypeptide(L)' SSLENFAAYV C
#
# COMPACT_ATOMS: atom_id res chain seq x y z
N PRO A 1 12.81 -2.14 14.86
CA PRO A 1 12.15 -1.38 13.77
C PRO A 1 10.69 -1.79 13.58
N HIS A 2 10.15 -2.46 14.59
CA HIS A 2 8.76 -2.92 14.55
C HIS A 2 7.82 -1.72 14.62
N SER A 3 6.58 -1.90 14.16
CA SER A 3 5.64 -0.80 14.18
C SER A 3 4.19 -1.22 13.98
N MET A 4 3.29 -0.29 14.30
CA MET A 4 1.86 -0.50 14.14
C MET A 4 1.31 0.80 13.52
N ARG A 5 0.35 0.65 12.62
CA ARG A 5 -0.24 1.81 11.97
C ARG A 5 -1.69 1.58 11.59
N TYR A 6 -2.46 2.64 11.64
CA TYR A 6 -3.85 2.57 11.23
C TYR A 6 -3.99 3.63 10.15
N PHE A 7 -4.43 3.18 8.98
CA PHE A 7 -4.64 4.04 7.83
C PHE A 7 -6.14 4.18 7.69
N GLU A 8 -6.66 5.37 7.98
CA GLU A 8 -8.08 5.60 7.87
C GLU A 8 -8.40 6.48 6.67
N THR A 9 -9.52 6.19 6.03
CA THR A 9 -9.95 6.96 4.87
C THR A 9 -11.44 7.22 4.98
N ALA A 10 -11.83 8.47 4.77
CA ALA A 10 -13.24 8.84 4.80
C ALA A 10 -13.47 9.53 3.47
N VAL A 11 -14.47 9.08 2.74
CA VAL A 11 -14.79 9.67 1.46
C VAL A 11 -16.24 10.15 1.48
N SER A 12 -16.42 11.44 1.23
CA SER A 12 -17.76 12.03 1.24
C SER A 12 -18.53 11.54 0.03
N ARG A 13 -19.81 11.27 0.23
CA ARG A 13 -20.69 10.82 -0.83
C ARG A 13 -21.70 11.95 -1.05
N PRO A 14 -21.54 12.69 -2.17
CA PRO A 14 -22.44 13.82 -2.48
C PRO A 14 -23.92 13.54 -2.25
N GLY A 15 -24.58 14.46 -1.56
CA GLY A 15 -25.99 14.31 -1.27
C GLY A 15 -26.29 13.50 -0.03
N LEU A 16 -25.43 12.54 0.29
CA LEU A 16 -25.62 11.69 1.46
C LEU A 16 -25.03 12.27 2.73
N GLU A 17 -25.61 11.88 3.86
CA GLU A 17 -25.17 12.33 5.17
C GLU A 17 -23.88 11.63 5.61
N GLU A 18 -23.85 10.31 5.49
CA GLU A 18 -22.70 9.53 5.91
C GLU A 18 -21.62 9.32 4.85
N PRO A 19 -20.36 9.54 5.23
CA PRO A 19 -19.27 9.34 4.27
C PRO A 19 -18.88 7.88 4.34
N ARG A 20 -18.18 7.36 3.34
CA ARG A 20 -17.76 5.99 3.44
C ARG A 20 -16.49 6.03 4.27
N TYR A 21 -16.34 5.08 5.18
CA TYR A 21 -15.19 5.04 6.07
C TYR A 21 -14.53 3.69 6.06
N ILE A 22 -13.22 3.71 5.87
CA ILE A 22 -12.44 2.48 5.86
C ILE A 22 -11.23 2.67 6.75
N SER A 23 -11.00 1.69 7.62
CA SER A 23 -9.86 1.72 8.51
C SER A 23 -9.07 0.42 8.39
N VAL A 24 -7.76 0.54 8.19
CA VAL A 24 -6.92 -0.64 8.07
C VAL A 24 -5.72 -0.55 9.02
N GLY A 25 -5.55 -1.59 9.84
CA GLY A 25 -4.45 -1.61 10.79
C GLY A 25 -3.33 -2.51 10.31
N TYR A 26 -2.09 -2.10 10.55
CA TYR A 26 -0.93 -2.89 10.15
C TYR A 26 0.07 -3.06 11.28
N VAL A 27 0.75 -4.20 11.27
CA VAL A 27 1.80 -4.47 12.23
C VAL A 27 2.97 -4.90 11.33
N ASP A 28 4.07 -4.16 11.41
CA ASP A 28 5.23 -4.44 10.58
C ASP A 28 4.81 -4.54 9.10
N ASN A 29 4.00 -3.57 8.68
CA ASN A 29 3.50 -3.47 7.31
C ASN A 29 2.57 -4.59 6.86
N LYS A 30 2.14 -5.43 7.78
CA LYS A 30 1.22 -6.53 7.46
C LYS A 30 -0.19 -6.18 7.93
N GLU A 31 -1.15 -6.19 7.01
CA GLU A 31 -2.53 -5.87 7.35
C GLU A 31 -3.06 -6.93 8.32
N PHE A 32 -3.55 -6.52 9.49
CA PHE A 32 -4.08 -7.48 10.46
C PHE A 32 -5.55 -7.27 10.85
N VAL A 33 -6.09 -6.09 10.56
CA VAL A 33 -7.49 -5.81 10.82
C VAL A 33 -7.99 -4.81 9.79
N ARG A 34 -9.32 -4.78 9.60
CA ARG A 34 -9.93 -3.86 8.65
C ARG A 34 -11.39 -3.63 8.99
N PHE A 35 -11.84 -2.41 8.79
CA PHE A 35 -13.23 -2.02 9.02
C PHE A 35 -13.67 -1.25 7.78
N ASP A 36 -14.84 -1.59 7.27
CA ASP A 36 -15.39 -0.92 6.08
C ASP A 36 -16.88 -0.64 6.27
N SER A 37 -17.23 0.65 6.27
CA SER A 37 -18.62 1.07 6.45
C SER A 37 -19.56 0.57 5.36
N ASP A 38 -19.00 0.17 4.23
CA ASP A 38 -19.81 -0.31 3.10
C ASP A 38 -20.34 -1.73 3.26
N ALA A 39 -19.80 -2.48 4.21
CA ALA A 39 -20.24 -3.86 4.43
C ALA A 39 -21.68 -3.95 4.92
N GLU A 40 -22.29 -5.11 4.71
CA GLU A 40 -23.66 -5.35 5.13
C GLU A 40 -23.73 -5.20 6.65
N ASN A 41 -22.64 -5.58 7.32
CA ASN A 41 -22.59 -5.48 8.76
C ASN A 41 -21.24 -4.91 9.20
N PRO A 42 -21.08 -3.58 9.11
CA PRO A 42 -19.83 -2.91 9.48
C PRO A 42 -19.23 -3.44 10.76
N ARG A 43 -17.99 -3.90 10.67
CA ARG A 43 -17.31 -4.43 11.84
C ARG A 43 -15.83 -4.63 11.53
N TYR A 44 -14.99 -4.42 12.54
CA TYR A 44 -13.56 -4.63 12.36
C TYR A 44 -13.46 -6.15 12.18
N GLU A 45 -12.53 -6.60 11.34
CA GLU A 45 -12.39 -8.04 11.10
C GLU A 45 -10.94 -8.46 10.98
N PRO A 46 -10.64 -9.72 11.37
CA PRO A 46 -9.28 -10.27 11.30
C PRO A 46 -8.82 -10.30 9.86
N ARG A 47 -7.53 -10.03 9.63
CA ARG A 47 -6.99 -10.01 8.28
C ARG A 47 -5.68 -10.78 8.32
N ALA A 48 -5.44 -11.41 9.46
CA ALA A 48 -4.25 -12.20 9.67
C ALA A 48 -4.65 -13.29 10.67
N PRO A 49 -4.05 -14.48 10.55
CA PRO A 49 -4.32 -15.64 11.41
C PRO A 49 -4.25 -15.43 12.92
N TRP A 50 -3.09 -15.01 13.42
CA TRP A 50 -2.89 -14.78 14.84
C TRP A 50 -3.86 -13.80 15.52
N MET A 51 -4.79 -13.21 14.76
CA MET A 51 -5.75 -12.30 15.36
C MET A 51 -7.00 -13.08 15.75
N GLU A 52 -7.02 -14.37 15.43
CA GLU A 52 -8.16 -15.21 15.79
C GLU A 52 -8.14 -15.33 17.32
N GLN A 53 -6.95 -15.16 17.89
CA GLN A 53 -6.75 -15.23 19.33
C GLN A 53 -7.79 -14.38 20.07
N GLU A 54 -7.89 -13.11 19.68
CA GLU A 54 -8.82 -12.18 20.32
C GLU A 54 -10.23 -12.70 20.46
N GLY A 55 -10.88 -12.33 21.56
CA GLY A 55 -12.24 -12.76 21.80
C GLY A 55 -13.22 -11.78 21.19
N PRO A 56 -14.52 -12.07 21.27
CA PRO A 56 -15.57 -11.19 20.73
C PRO A 56 -15.56 -9.79 21.30
N GLU A 57 -15.27 -9.68 22.60
CA GLU A 57 -15.26 -8.36 23.23
C GLU A 57 -14.29 -7.42 22.55
N TYR A 58 -13.23 -7.98 21.99
CA TYR A 58 -12.22 -7.17 21.30
C TYR A 58 -12.80 -6.55 20.02
N TRP A 59 -13.43 -7.36 19.19
CA TRP A 59 -14.01 -6.86 17.93
C TRP A 59 -15.15 -5.90 18.18
N GLU A 60 -15.93 -6.19 19.21
CA GLU A 60 -17.06 -5.35 19.55
C GLU A 60 -16.53 -3.97 19.93
N ARG A 61 -15.51 -3.94 20.78
CA ARG A 61 -14.94 -2.68 21.23
C ARG A 61 -14.34 -1.87 20.08
N GLU A 62 -13.58 -2.55 19.21
CA GLU A 62 -12.97 -1.86 18.08
C GLU A 62 -14.02 -1.31 17.14
N THR A 63 -15.08 -2.08 16.93
CA THR A 63 -16.17 -1.69 16.05
C THR A 63 -16.86 -0.44 16.58
N GLN A 64 -17.02 -0.37 17.90
CA GLN A 64 -17.64 0.79 18.53
C GLN A 64 -16.82 2.02 18.19
N LYS A 65 -15.50 1.90 18.36
CA LYS A 65 -14.61 3.01 18.07
C LYS A 65 -14.77 3.49 16.64
N ALA A 66 -14.89 2.55 15.72
CA ALA A 66 -15.04 2.88 14.30
C ALA A 66 -16.23 3.80 14.10
N LYS A 67 -17.33 3.50 14.79
CA LYS A 67 -18.55 4.30 14.69
C LYS A 67 -18.23 5.72 15.15
N GLY A 68 -17.43 5.81 16.21
CA GLY A 68 -17.05 7.11 16.72
C GLY A 68 -16.23 7.85 15.67
N GLN A 69 -15.26 7.14 15.10
CA GLN A 69 -14.39 7.72 14.08
C GLN A 69 -15.21 8.24 12.90
N GLU A 70 -16.22 7.49 12.49
CA GLU A 70 -17.05 7.89 11.36
C GLU A 70 -17.62 9.28 11.57
N GLN A 71 -18.17 9.53 12.75
CA GLN A 71 -18.75 10.82 13.09
C GLN A 71 -17.70 11.92 13.01
N TRP A 72 -16.51 11.62 13.54
CA TRP A 72 -15.43 12.59 13.54
C TRP A 72 -15.06 13.03 12.14
N PHE A 73 -14.87 12.05 11.25
CA PHE A 73 -14.51 12.36 9.87
C PHE A 73 -15.64 13.06 9.14
N ARG A 74 -16.88 12.68 9.43
CA ARG A 74 -18.00 13.33 8.76
C ARG A 74 -17.99 14.83 9.08
N VAL A 75 -17.94 15.18 10.36
CA VAL A 75 -17.91 16.59 10.74
C VAL A 75 -16.66 17.29 10.20
N SER A 76 -15.52 16.61 10.25
CA SER A 76 -14.30 17.22 9.76
C SER A 76 -14.40 17.50 8.26
N LEU A 77 -14.95 16.55 7.52
CA LEU A 77 -15.12 16.72 6.08
C LEU A 77 -15.92 17.97 5.82
N ARG A 78 -17.07 18.08 6.49
CA ARG A 78 -17.92 19.25 6.34
C ARG A 78 -17.12 20.53 6.62
N ASN A 79 -16.44 20.59 7.76
CA ASN A 79 -15.67 21.79 8.09
C ASN A 79 -14.66 22.14 6.99
N LEU A 80 -13.97 21.13 6.46
CA LEU A 80 -12.99 21.35 5.39
C LEU A 80 -13.61 21.96 4.14
N LEU A 81 -14.86 21.60 3.89
CA LEU A 81 -15.57 22.13 2.73
C LEU A 81 -15.62 23.65 2.84
N GLY A 82 -15.88 24.14 4.05
CA GLY A 82 -15.96 25.57 4.27
C GLY A 82 -14.60 26.26 4.21
N TYR A 83 -13.57 25.62 4.77
CA TYR A 83 -12.23 26.21 4.77
C TYR A 83 -11.76 26.51 3.35
N TYR A 84 -12.00 25.57 2.45
CA TYR A 84 -11.57 25.71 1.06
C TYR A 84 -12.65 26.31 0.16
N ASN A 85 -13.81 26.63 0.74
CA ASN A 85 -14.89 27.21 -0.04
C ASN A 85 -15.24 26.27 -1.20
N GLN A 86 -15.43 24.99 -0.88
CA GLN A 86 -15.76 23.98 -1.87
C GLN A 86 -17.25 23.65 -1.83
N SER A 87 -17.78 23.23 -2.97
CA SER A 87 -19.18 22.84 -3.09
C SER A 87 -19.31 21.39 -2.63
N ALA A 88 -20.48 21.05 -2.09
CA ALA A 88 -20.71 19.69 -1.59
C ALA A 88 -21.36 18.79 -2.63
N GLY A 89 -21.32 19.22 -3.88
CA GLY A 89 -21.89 18.40 -4.94
C GLY A 89 -20.87 17.41 -5.44
N GLY A 90 -19.67 17.49 -4.88
CA GLY A 90 -18.60 16.61 -5.27
C GLY A 90 -18.09 15.79 -4.09
N SER A 91 -17.24 14.81 -4.39
CA SER A 91 -16.68 13.96 -3.36
C SER A 91 -15.36 14.53 -2.87
N HIS A 92 -15.02 14.22 -1.62
CA HIS A 92 -13.79 14.71 -1.02
C HIS A 92 -13.22 13.61 -0.13
N THR A 93 -11.94 13.70 0.15
CA THR A 93 -11.29 12.69 0.97
C THR A 93 -10.46 13.26 2.11
N LEU A 94 -10.55 12.60 3.25
CA LEU A 94 -9.80 12.98 4.43
C LEU A 94 -9.16 11.70 4.93
N GLN A 95 -7.83 11.70 5.00
CA GLN A 95 -7.08 10.53 5.44
C GLN A 95 -6.27 10.75 6.70
N GLN A 96 -6.02 9.66 7.42
CA GLN A 96 -5.24 9.73 8.63
C GLN A 96 -4.35 8.51 8.81
N MET A 97 -3.12 8.76 9.26
CA MET A 97 -2.18 7.69 9.56
C MET A 97 -1.75 7.94 11.01
N SER A 98 -1.82 6.91 11.84
CA SER A 98 -1.41 7.04 13.23
C SER A 98 -0.79 5.74 13.68
N GLY A 99 0.07 5.81 14.69
CA GLY A 99 0.71 4.62 15.18
C GLY A 99 2.01 4.89 15.90
N CYS A 100 2.77 3.82 16.14
CA CYS A 100 4.04 3.90 16.85
C CYS A 100 5.12 2.97 16.29
N ASP A 101 6.38 3.33 16.56
CA ASP A 101 7.55 2.57 16.12
C ASP A 101 8.41 2.18 17.31
N LEU A 102 8.93 0.95 17.28
CA LEU A 102 9.80 0.46 18.34
C LEU A 102 11.22 0.42 17.78
N GLY A 103 12.17 0.97 18.52
CA GLY A 103 13.54 0.96 18.04
C GLY A 103 14.22 -0.36 18.31
N SER A 104 15.54 -0.40 18.19
CA SER A 104 16.30 -1.63 18.45
C SER A 104 15.98 -2.05 19.86
N ASP A 105 16.37 -1.20 20.82
CA ASP A 105 16.05 -1.46 22.20
C ASP A 105 14.54 -1.31 22.07
N TRP A 106 13.82 -2.38 22.38
CA TRP A 106 12.36 -2.41 22.24
C TRP A 106 11.53 -1.24 22.71
N ARG A 107 12.19 -0.16 23.09
CA ARG A 107 11.49 1.02 23.57
C ARG A 107 10.77 1.77 22.45
N LEU A 108 9.87 2.65 22.85
CA LEU A 108 9.13 3.46 21.90
C LEU A 108 10.18 4.32 21.22
N LEU A 109 10.11 4.38 19.89
CA LEU A 109 11.07 5.16 19.12
C LEU A 109 10.42 6.44 18.60
N ARG A 110 9.18 6.34 18.16
CA ARG A 110 8.49 7.50 17.60
C ARG A 110 6.98 7.25 17.54
N GLY A 111 6.20 8.33 17.67
CA GLY A 111 4.76 8.24 17.57
C GLY A 111 4.38 9.00 16.32
N TYR A 112 3.31 8.59 15.62
CA TYR A 112 2.89 9.26 14.39
C TYR A 112 1.42 9.64 14.33
N LEU A 113 1.16 10.80 13.72
CA LEU A 113 -0.20 11.29 13.54
C LEU A 113 -0.22 12.33 12.43
N GLN A 114 -0.77 11.96 11.28
CA GLN A 114 -0.83 12.87 10.15
C GLN A 114 -2.14 12.75 9.39
N PHE A 115 -2.62 13.88 8.87
CA PHE A 115 -3.87 13.94 8.13
C PHE A 115 -3.62 14.51 6.73
N ALA A 116 -4.43 14.09 5.76
CA ALA A 116 -4.32 14.60 4.40
C ALA A 116 -5.70 14.87 3.86
N TYR A 117 -5.84 15.99 3.17
CA TYR A 117 -7.11 16.34 2.56
C TYR A 117 -6.92 16.34 1.05
N GLU A 118 -7.78 15.60 0.36
CA GLU A 118 -7.71 15.48 -1.09
C GLU A 118 -6.38 14.83 -1.47
N GLY A 119 -5.88 13.95 -0.60
CA GLY A 119 -4.63 13.26 -0.88
C GLY A 119 -3.34 14.04 -0.67
N ARG A 120 -3.44 15.24 -0.09
CA ARG A 120 -2.24 16.05 0.15
C ARG A 120 -2.13 16.35 1.64
N ASP A 121 -0.90 16.42 2.15
CA ASP A 121 -0.66 16.69 3.56
C ASP A 121 -1.48 17.87 4.06
N TYR A 122 -2.14 17.69 5.20
CA TYR A 122 -2.94 18.77 5.78
C TYR A 122 -2.25 19.23 7.06
N ILE A 123 -2.28 18.39 8.08
CA ILE A 123 -1.64 18.73 9.33
C ILE A 123 -1.05 17.46 9.93
N ALA A 124 0.05 17.62 10.67
CA ALA A 124 0.73 16.49 11.28
C ALA A 124 1.25 16.83 12.67
N LEU A 125 1.26 15.81 13.53
CA LEU A 125 1.76 15.98 14.88
C LEU A 125 3.28 15.83 14.81
N ASN A 126 4.00 16.74 15.45
CA ASN A 126 5.45 16.69 15.45
C ASN A 126 5.96 15.53 16.31
N GLU A 127 7.21 15.16 16.14
CA GLU A 127 7.77 14.06 16.91
C GLU A 127 7.68 14.29 18.41
N ASP A 128 7.66 15.57 18.83
CA ASP A 128 7.56 15.88 20.24
C ASP A 128 6.18 15.53 20.81
N LEU A 129 5.24 15.18 19.94
CA LEU A 129 3.89 14.83 20.39
C LEU A 129 3.27 15.97 21.18
N LYS A 130 3.69 17.21 20.89
CA LYS A 130 3.19 18.40 21.55
C LYS A 130 2.82 19.48 20.54
N THR A 131 3.60 19.62 19.49
CA THR A 131 3.33 20.65 18.49
C THR A 131 2.86 20.12 17.15
N TRP A 132 2.17 20.98 16.40
CA TRP A 132 1.63 20.63 15.10
C TRP A 132 2.29 21.31 13.93
N THR A 133 2.41 20.60 12.81
CA THR A 133 2.97 21.14 11.57
C THR A 133 1.83 21.20 10.56
N ALA A 134 1.46 22.40 10.15
CA ALA A 134 0.37 22.58 9.18
C ALA A 134 0.94 22.80 7.79
N ALA A 135 0.32 22.18 6.79
CA ALA A 135 0.81 22.28 5.40
C ALA A 135 0.39 23.52 4.63
N ASP A 136 -0.80 24.06 4.90
CA ASP A 136 -1.24 25.25 4.19
C ASP A 136 -1.97 26.22 5.11
N MET A 137 -2.67 27.17 4.50
CA MET A 137 -3.38 28.19 5.25
C MET A 137 -4.55 27.59 6.04
N ALA A 138 -5.38 26.80 5.37
CA ALA A 138 -6.52 26.18 6.02
C ALA A 138 -6.05 25.40 7.24
N ALA A 139 -5.02 24.58 7.06
CA ALA A 139 -4.48 23.75 8.14
C ALA A 139 -4.04 24.58 9.34
N GLN A 140 -3.56 25.80 9.07
CA GLN A 140 -3.14 26.68 10.13
C GLN A 140 -4.32 26.96 11.06
N ILE A 141 -5.51 27.06 10.48
CA ILE A 141 -6.71 27.31 11.26
C ILE A 141 -6.89 26.14 12.21
N THR A 142 -6.79 24.92 11.68
CA THR A 142 -6.95 23.73 12.50
C THR A 142 -5.89 23.72 13.60
N ARG A 143 -4.65 23.99 13.20
CA ARG A 143 -3.52 24.02 14.12
C ARG A 143 -3.78 24.95 15.31
N ARG A 144 -4.16 26.18 15.02
CA ARG A 144 -4.42 27.16 16.06
C ARG A 144 -5.60 26.73 16.92
N LYS A 145 -6.53 26.02 16.30
CA LYS A 145 -7.71 25.51 16.98
C LYS A 145 -7.32 24.38 17.96
N TRP A 146 -6.42 23.50 17.53
CA TRP A 146 -6.01 22.38 18.38
C TRP A 146 -5.04 22.75 19.50
N GLU A 147 -4.23 23.80 19.30
CA GLU A 147 -3.29 24.21 20.34
C GLU A 147 -4.09 24.76 21.52
N GLN A 148 -5.16 25.48 21.20
CA GLN A 148 -6.03 26.07 22.20
C GLN A 148 -6.82 25.01 22.95
N SER A 149 -7.14 23.91 22.28
CA SER A 149 -7.92 22.84 22.91
C SER A 149 -7.07 21.75 23.56
N GLY A 150 -5.75 21.82 23.37
CA GLY A 150 -4.88 20.81 23.95
C GLY A 150 -5.13 19.41 23.40
N ALA A 151 -5.37 19.33 22.09
CA ALA A 151 -5.62 18.06 21.42
C ALA A 151 -4.41 17.11 21.46
N ALA A 152 -3.23 17.69 21.28
CA ALA A 152 -1.99 16.91 21.28
C ALA A 152 -1.84 15.97 22.47
N GLU A 153 -2.10 16.46 23.68
CA GLU A 153 -1.99 15.63 24.88
C GLU A 153 -2.78 14.33 24.71
N HIS A 154 -3.97 14.44 24.14
CA HIS A 154 -4.83 13.28 23.92
C HIS A 154 -4.13 12.25 23.02
N TYR A 155 -3.52 12.73 21.95
CA TYR A 155 -2.84 11.86 21.01
C TYR A 155 -1.55 11.27 21.57
N LYS A 156 -0.78 12.11 22.25
CA LYS A 156 0.47 11.67 22.86
C LYS A 156 0.22 10.47 23.77
N ALA A 157 -0.84 10.55 24.58
CA ALA A 157 -1.18 9.49 25.52
C ALA A 157 -1.49 8.15 24.85
N TYR A 158 -2.18 8.20 23.71
CA TYR A 158 -2.49 6.97 23.01
C TYR A 158 -1.21 6.40 22.38
N LEU A 159 -0.46 7.28 21.71
CA LEU A 159 0.76 6.91 21.02
C LEU A 159 1.85 6.28 21.88
N GLU A 160 1.96 6.73 23.12
CA GLU A 160 2.98 6.21 24.03
C GLU A 160 2.44 5.15 24.97
N GLY A 161 1.11 5.02 25.02
CA GLY A 161 0.53 4.04 25.90
C GLY A 161 -0.11 2.87 25.19
N GLU A 162 -1.41 2.99 24.92
CA GLU A 162 -2.16 1.93 24.26
C GLU A 162 -1.47 1.45 22.97
N CYS A 163 -0.90 2.37 22.20
CA CYS A 163 -0.22 1.99 20.96
C CYS A 163 0.89 0.98 21.24
N VAL A 164 1.74 1.31 22.20
CA VAL A 164 2.85 0.45 22.55
C VAL A 164 2.36 -0.86 23.17
N GLU A 165 1.36 -0.77 24.04
CA GLU A 165 0.80 -1.95 24.69
C GLU A 165 0.41 -3.03 23.70
N TRP A 166 -0.47 -2.68 22.78
CA TRP A 166 -0.95 -3.62 21.79
C TRP A 166 0.08 -4.06 20.76
N LEU A 167 0.93 -3.14 20.31
CA LEU A 167 1.95 -3.54 19.35
C LEU A 167 2.75 -4.66 19.99
N HIS A 168 3.12 -4.51 21.26
CA HIS A 168 3.87 -5.56 21.93
C HIS A 168 3.04 -6.83 21.94
N ARG A 169 1.74 -6.69 22.23
CA ARG A 169 0.85 -7.83 22.27
C ARG A 169 0.82 -8.57 20.93
N TYR A 170 0.49 -7.82 19.87
CA TYR A 170 0.41 -8.39 18.54
C TYR A 170 1.73 -9.02 18.09
N LEU A 171 2.85 -8.37 18.42
CA LEU A 171 4.14 -8.92 18.04
C LEU A 171 4.34 -10.26 18.74
N LYS A 172 3.83 -10.37 19.96
CA LYS A 172 3.98 -11.62 20.70
C LYS A 172 3.09 -12.73 20.15
N ASN A 173 1.85 -12.40 19.78
CA ASN A 173 0.94 -13.41 19.26
C ASN A 173 1.21 -13.81 17.81
N GLY A 174 1.71 -12.89 17.01
CA GLY A 174 1.97 -13.21 15.62
C GLY A 174 3.44 -13.40 15.34
N ASN A 175 4.20 -13.56 16.41
CA ASN A 175 5.65 -13.75 16.33
C ASN A 175 6.09 -14.74 15.25
N ALA A 176 5.53 -15.94 15.28
CA ALA A 176 5.88 -16.98 14.32
C ALA A 176 5.51 -16.64 12.88
N THR A 177 4.67 -15.63 12.71
CA THR A 177 4.23 -15.22 11.38
C THR A 177 4.98 -13.96 10.91
N LEU A 178 5.01 -12.96 11.79
CA LEU A 178 5.66 -11.69 11.49
C LEU A 178 7.18 -11.75 11.41
N LEU A 179 7.80 -12.56 12.27
CA LEU A 179 9.25 -12.66 12.28
C LEU A 179 9.83 -13.62 11.24
N ARG A 180 8.97 -14.26 10.45
CA ARG A 180 9.43 -15.20 9.41
C ARG A 180 9.90 -14.46 8.17
N THR A 181 10.61 -15.20 7.32
CA THR A 181 11.04 -14.67 6.03
C THR A 181 10.86 -15.79 5.03
N ASP A 182 10.85 -15.41 3.77
CA ASP A 182 10.76 -16.35 2.66
C ASP A 182 11.78 -15.71 1.74
N SER A 183 12.98 -16.28 1.68
CA SER A 183 14.02 -15.68 0.86
C SER A 183 13.61 -15.75 -0.60
N PRO A 184 14.08 -14.79 -1.41
CA PRO A 184 13.70 -14.81 -2.82
C PRO A 184 14.23 -15.96 -3.67
N LYS A 185 13.47 -16.28 -4.71
CA LYS A 185 13.82 -17.30 -5.68
C LYS A 185 14.11 -16.42 -6.89
N ALA A 186 15.38 -16.42 -7.31
CA ALA A 186 15.79 -15.57 -8.41
C ALA A 186 16.37 -16.26 -9.62
N HIS A 187 16.36 -15.56 -10.74
CA HIS A 187 16.93 -16.05 -11.99
C HIS A 187 17.06 -14.88 -12.97
N VAL A 188 17.86 -15.07 -14.02
CA VAL A 188 18.08 -14.03 -15.01
C VAL A 188 17.52 -14.47 -16.36
N THR A 189 16.78 -13.56 -17.02
CA THR A 189 16.22 -13.85 -18.33
C THR A 189 16.87 -12.96 -19.38
N HIS A 190 16.86 -13.44 -20.62
CA HIS A 190 17.49 -12.78 -21.77
C HIS A 190 16.40 -12.39 -22.79
N HIS A 191 16.42 -11.14 -23.25
CA HIS A 191 15.42 -10.69 -24.20
C HIS A 191 15.96 -9.77 -25.30
N PRO A 192 15.34 -9.84 -26.49
CA PRO A 192 15.79 -8.99 -27.61
C PRO A 192 15.46 -7.57 -27.17
N ARG A 193 16.18 -6.57 -27.68
CA ARG A 193 15.90 -5.19 -27.30
C ARG A 193 15.95 -4.32 -28.56
N SER A 194 17.15 -4.16 -29.11
CA SER A 194 17.36 -3.38 -30.33
C SER A 194 18.61 -3.95 -31.01
N LYS A 195 18.98 -3.39 -32.16
CA LYS A 195 20.14 -3.90 -32.90
C LYS A 195 21.43 -3.90 -32.08
N GLY A 196 22.06 -5.07 -31.99
CA GLY A 196 23.29 -5.20 -31.25
C GLY A 196 23.16 -4.99 -29.74
N GLU A 197 21.92 -4.99 -29.24
CA GLU A 197 21.69 -4.80 -27.81
C GLU A 197 20.57 -5.68 -27.27
N VAL A 198 20.82 -6.31 -26.13
CA VAL A 198 19.83 -7.19 -25.53
C VAL A 198 19.52 -6.77 -24.10
N THR A 199 18.43 -7.30 -23.56
CA THR A 199 18.04 -6.98 -22.21
C THR A 199 18.21 -8.17 -21.27
N LEU A 200 18.82 -7.92 -20.12
CA LEU A 200 19.00 -8.96 -19.11
C LEU A 200 18.14 -8.52 -17.96
N ARG A 201 17.21 -9.38 -17.55
CA ARG A 201 16.32 -9.02 -16.44
C ARG A 201 16.51 -9.97 -15.27
N CYS A 202 16.78 -9.40 -14.10
CA CYS A 202 16.99 -10.18 -12.88
C CYS A 202 15.73 -10.20 -12.03
N TRP A 203 15.15 -11.38 -11.84
CA TRP A 203 13.92 -11.53 -11.07
C TRP A 203 14.10 -12.07 -9.66
N ALA A 204 13.25 -11.58 -8.76
CA ALA A 204 13.23 -12.03 -7.37
C ALA A 204 11.75 -12.29 -7.11
N LEU A 205 11.40 -13.55 -6.86
CA LEU A 205 10.02 -13.94 -6.64
C LEU A 205 9.72 -14.65 -5.34
N GLY A 206 8.45 -14.60 -4.94
CA GLY A 206 7.99 -15.24 -3.72
C GLY A 206 8.70 -14.86 -2.45
N PHE A 207 9.20 -13.63 -2.33
CA PHE A 207 9.90 -13.26 -1.12
C PHE A 207 9.08 -12.47 -0.10
N TYR A 208 9.50 -12.56 1.16
CA TYR A 208 8.86 -11.88 2.26
C TYR A 208 9.89 -11.72 3.39
N PRO A 209 9.95 -10.55 4.03
CA PRO A 209 9.13 -9.34 3.80
C PRO A 209 9.45 -8.66 2.45
N ALA A 210 8.71 -7.60 2.14
CA ALA A 210 8.88 -6.89 0.87
C ALA A 210 10.24 -6.24 0.64
N ASP A 211 10.85 -5.76 1.73
CA ASP A 211 12.17 -5.12 1.66
C ASP A 211 13.15 -5.96 0.88
N ILE A 212 13.80 -5.37 -0.11
CA ILE A 212 14.77 -6.09 -0.90
C ILE A 212 15.64 -5.10 -1.67
N THR A 213 16.77 -5.59 -2.17
CA THR A 213 17.66 -4.75 -2.95
C THR A 213 18.28 -5.57 -4.06
N LEU A 214 18.10 -5.12 -5.29
CA LEU A 214 18.66 -5.80 -6.44
C LEU A 214 19.65 -4.83 -7.09
N THR A 215 20.78 -5.36 -7.54
CA THR A 215 21.77 -4.51 -8.20
C THR A 215 22.47 -5.25 -9.33
N TRP A 216 22.91 -4.51 -10.33
CA TRP A 216 23.63 -5.10 -11.45
C TRP A 216 25.03 -4.53 -11.38
N GLN A 217 26.00 -5.33 -11.79
CA GLN A 217 27.38 -4.88 -11.77
C GLN A 217 28.10 -5.15 -13.08
N LEU A 218 28.96 -4.20 -13.45
CA LEU A 218 29.76 -4.32 -14.65
C LEU A 218 31.18 -3.91 -14.24
N ASN A 219 32.12 -4.81 -14.46
CA ASN A 219 33.52 -4.57 -14.13
C ASN A 219 33.72 -4.15 -12.68
N GLY A 220 32.92 -4.73 -11.80
CA GLY A 220 33.05 -4.41 -10.38
C GLY A 220 32.35 -3.14 -9.92
N GLU A 221 31.64 -2.47 -10.83
CA GLU A 221 30.93 -1.24 -10.47
C GLU A 221 29.43 -1.49 -10.65
N GLU A 222 28.63 -1.00 -9.72
CA GLU A 222 27.17 -1.17 -9.83
C GLU A 222 26.64 -0.19 -10.87
N LEU A 223 25.66 -0.62 -11.64
CA LEU A 223 25.08 0.23 -12.67
C LEU A 223 23.95 1.06 -12.08
N THR A 224 24.34 1.93 -11.15
CA THR A 224 23.44 2.82 -10.43
C THR A 224 22.41 3.53 -11.31
N GLN A 225 22.87 4.18 -12.37
CA GLN A 225 21.96 4.93 -13.24
C GLN A 225 21.65 4.33 -14.61
N ASP A 226 22.11 3.10 -14.84
CA ASP A 226 21.85 2.44 -16.12
C ASP A 226 21.10 1.15 -15.85
N MET A 227 20.07 1.23 -15.01
CA MET A 227 19.31 0.05 -14.63
C MET A 227 17.84 0.41 -14.43
N GLU A 228 16.95 -0.46 -14.92
CA GLU A 228 15.53 -0.22 -14.75
C GLU A 228 15.03 -1.14 -13.64
N LEU A 229 14.48 -0.54 -12.60
CA LEU A 229 13.97 -1.27 -11.44
C LEU A 229 12.45 -1.11 -11.30
N VAL A 230 11.67 -2.18 -11.48
CA VAL A 230 10.22 -2.04 -11.31
C VAL A 230 9.91 -1.88 -9.84
N GLU A 231 8.74 -1.35 -9.52
CA GLU A 231 8.38 -1.21 -8.12
C GLU A 231 7.88 -2.56 -7.61
N THR A 232 8.18 -2.84 -6.35
CA THR A 232 7.80 -4.09 -5.71
C THR A 232 6.30 -4.29 -5.80
N ARG A 233 5.89 -5.49 -6.17
CA ARG A 233 4.47 -5.81 -6.35
C ARG A 233 4.10 -7.10 -5.61
N PRO A 234 2.83 -7.21 -5.20
CA PRO A 234 2.28 -8.37 -4.48
C PRO A 234 2.08 -9.56 -5.40
N ALA A 235 2.53 -10.74 -4.97
CA ALA A 235 2.32 -11.93 -5.77
C ALA A 235 0.85 -12.34 -5.59
N GLY A 236 0.28 -11.94 -4.46
CA GLY A 236 -1.10 -12.24 -4.18
C GLY A 236 -1.30 -13.32 -3.13
N ASP A 237 -0.19 -13.93 -2.73
CA ASP A 237 -0.24 -15.01 -1.74
C ASP A 237 0.47 -14.63 -0.45
N GLY A 238 0.83 -13.36 -0.31
CA GLY A 238 1.53 -12.91 0.88
C GLY A 238 2.98 -12.58 0.59
N THR A 239 3.47 -12.99 -0.57
CA THR A 239 4.87 -12.72 -0.93
C THR A 239 4.92 -11.61 -1.96
N PHE A 240 6.13 -11.17 -2.29
CA PHE A 240 6.31 -10.09 -3.25
C PHE A 240 7.23 -10.42 -4.42
N GLN A 241 7.24 -9.55 -5.42
CA GLN A 241 8.07 -9.76 -6.60
C GLN A 241 8.79 -8.45 -6.94
N LYS A 242 9.84 -8.56 -7.72
CA LYS A 242 10.58 -7.39 -8.15
C LYS A 242 11.63 -7.84 -9.15
N TRP A 243 12.06 -6.91 -9.98
CA TRP A 243 13.10 -7.20 -10.96
C TRP A 243 13.82 -5.93 -11.35
N ALA A 244 15.03 -6.09 -11.86
CA ALA A 244 15.84 -4.98 -12.33
C ALA A 244 16.49 -5.48 -13.61
N SER A 245 16.50 -4.65 -14.64
CA SER A 245 17.09 -5.08 -15.89
C SER A 245 18.07 -4.05 -16.43
N VAL A 246 18.89 -4.50 -17.38
CA VAL A 246 19.88 -3.65 -18.01
C VAL A 246 19.99 -4.01 -19.47
N VAL A 247 20.21 -2.99 -20.30
CA VAL A 247 20.36 -3.17 -21.73
C VAL A 247 21.86 -3.28 -21.99
N VAL A 248 22.30 -4.43 -22.48
CA VAL A 248 23.71 -4.65 -22.72
C VAL A 248 24.05 -4.98 -24.16
N PRO A 249 25.32 -4.80 -24.54
CA PRO A 249 25.78 -5.07 -25.90
C PRO A 249 25.67 -6.58 -26.15
N LEU A 250 25.10 -6.95 -27.28
CA LEU A 250 24.97 -8.35 -27.61
C LEU A 250 26.38 -8.94 -27.61
N GLY A 251 26.54 -10.11 -26.99
CA GLY A 251 27.85 -10.74 -26.95
C GLY A 251 28.72 -10.33 -25.79
N LYS A 252 28.12 -9.71 -24.78
CA LYS A 252 28.87 -9.29 -23.61
C LYS A 252 28.04 -9.47 -22.33
N GLU A 253 26.95 -10.22 -22.46
CA GLU A 253 26.06 -10.46 -21.33
C GLU A 253 26.84 -11.01 -20.14
N GLN A 254 27.71 -11.99 -20.40
CA GLN A 254 28.51 -12.60 -19.35
C GLN A 254 29.18 -11.58 -18.44
N ASN A 255 29.60 -10.44 -19.00
CA ASN A 255 30.25 -9.41 -18.22
C ASN A 255 29.37 -8.83 -17.12
N TYR A 256 28.06 -9.10 -17.15
CA TYR A 256 27.18 -8.54 -16.13
C TYR A 256 26.73 -9.55 -15.08
N THR A 257 26.59 -9.07 -13.85
CA THR A 257 26.16 -9.90 -12.74
C THR A 257 25.15 -9.17 -11.87
N CYS A 258 24.16 -9.92 -11.41
CA CYS A 258 23.09 -9.42 -10.56
C CYS A 258 23.29 -9.90 -9.13
N ARG A 259 22.99 -9.03 -8.17
CA ARG A 259 23.10 -9.41 -6.77
C ARG A 259 21.76 -9.16 -6.08
N VAL A 260 21.33 -10.12 -5.27
CA VAL A 260 20.07 -10.00 -4.57
C VAL A 260 20.32 -9.99 -3.08
N TYR A 261 19.88 -8.94 -2.41
CA TYR A 261 20.06 -8.82 -0.97
C TYR A 261 18.68 -8.85 -0.32
N HIS A 262 18.50 -9.78 0.61
CA HIS A 262 17.24 -9.91 1.33
C HIS A 262 17.56 -10.40 2.75
N GLU A 263 16.78 -9.98 3.74
CA GLU A 263 17.07 -10.41 5.10
C GLU A 263 16.88 -11.92 5.31
N GLY A 264 16.35 -12.59 4.28
CA GLY A 264 16.18 -14.03 4.36
C GLY A 264 17.42 -14.70 3.80
N LEU A 265 18.29 -13.90 3.20
CA LEU A 265 19.53 -14.40 2.62
C LEU A 265 20.73 -14.03 3.48
N PRO A 266 21.30 -15.00 4.21
CA PRO A 266 22.45 -14.65 5.03
C PRO A 266 23.58 -14.06 4.16
N GLU A 267 23.74 -14.62 2.96
CA GLU A 267 24.72 -14.16 1.99
C GLU A 267 23.95 -13.73 0.74
N PRO A 268 24.35 -12.63 0.09
CA PRO A 268 23.69 -12.14 -1.12
C PRO A 268 23.90 -13.07 -2.30
N LEU A 269 22.88 -13.24 -3.14
CA LEU A 269 23.01 -14.10 -4.30
C LEU A 269 23.78 -13.40 -5.41
N THR A 270 24.35 -14.18 -6.32
CA THR A 270 25.10 -13.64 -7.45
C THR A 270 24.71 -14.43 -8.67
N LEU A 271 23.90 -13.82 -9.53
CA LEU A 271 23.44 -14.51 -10.74
C LEU A 271 23.92 -13.86 -12.02
N ARG A 272 23.71 -14.57 -13.12
CA ARG A 272 24.06 -14.09 -14.45
C ARG A 272 23.37 -14.94 -15.52
N TRP A 273 23.31 -14.41 -16.74
CA TRP A 273 22.68 -15.13 -17.85
C TRP A 273 23.46 -16.40 -18.19
N MET B 1 -10.05 18.58 -9.10
CA MET B 1 -8.74 19.29 -9.27
C MET B 1 -7.57 18.35 -8.94
N ILE B 2 -7.31 18.18 -7.65
CA ILE B 2 -6.23 17.31 -7.19
C ILE B 2 -6.39 15.92 -7.79
N GLN B 3 -5.50 15.55 -8.71
CA GLN B 3 -5.57 14.24 -9.35
C GLN B 3 -4.21 13.60 -9.62
N LYS B 4 -4.16 12.27 -9.49
CA LYS B 4 -2.94 11.52 -9.73
C LYS B 4 -3.24 10.28 -10.58
N THR B 5 -2.57 10.16 -11.71
CA THR B 5 -2.76 9.06 -12.64
C THR B 5 -2.24 7.75 -12.04
N PRO B 6 -3.01 6.66 -12.19
CA PRO B 6 -2.56 5.39 -11.64
C PRO B 6 -1.46 4.69 -12.44
N GLN B 7 -0.56 4.04 -11.72
CA GLN B 7 0.48 3.27 -12.37
C GLN B 7 -0.12 1.89 -12.45
N ILE B 8 0.19 1.15 -13.51
CA ILE B 8 -0.38 -0.17 -13.68
C ILE B 8 0.64 -1.23 -14.01
N GLN B 9 0.54 -2.38 -13.35
CA GLN B 9 1.42 -3.49 -13.63
C GLN B 9 0.54 -4.72 -13.80
N VAL B 10 0.79 -5.47 -14.86
CA VAL B 10 0.04 -6.69 -15.17
C VAL B 10 1.05 -7.82 -15.21
N TYR B 11 0.85 -8.82 -14.37
CA TYR B 11 1.80 -9.93 -14.29
C TYR B 11 1.21 -11.17 -13.63
N SER B 12 1.85 -12.31 -13.87
CA SER B 12 1.40 -13.59 -13.31
C SER B 12 1.99 -13.82 -11.93
N ARG B 13 1.30 -14.63 -11.12
CA ARG B 13 1.78 -14.93 -9.78
C ARG B 13 2.99 -15.86 -9.88
N HIS B 14 2.89 -16.85 -10.75
CA HIS B 14 3.98 -17.80 -10.97
C HIS B 14 4.53 -17.62 -12.37
N PRO B 15 5.77 -18.08 -12.61
CA PRO B 15 6.34 -17.94 -13.94
C PRO B 15 5.36 -18.52 -14.96
N PRO B 16 5.21 -17.85 -16.12
CA PRO B 16 4.29 -18.31 -17.16
C PRO B 16 4.76 -19.51 -17.96
N GLU B 17 3.90 -20.52 -18.01
CA GLU B 17 4.17 -21.72 -18.79
C GLU B 17 2.93 -21.99 -19.61
N ASN B 18 3.03 -21.77 -20.92
CA ASN B 18 1.91 -21.98 -21.82
C ASN B 18 1.24 -23.32 -21.55
N GLY B 19 -0.07 -23.27 -21.32
CA GLY B 19 -0.82 -24.48 -21.07
C GLY B 19 -1.01 -24.82 -19.61
N LYS B 20 -0.28 -24.14 -18.72
CA LYS B 20 -0.40 -24.41 -17.29
C LYS B 20 -1.14 -23.32 -16.52
N PRO B 21 -2.20 -23.70 -15.80
CA PRO B 21 -3.02 -22.77 -15.00
C PRO B 21 -2.13 -21.85 -14.17
N ASN B 22 -2.59 -20.62 -13.96
CA ASN B 22 -1.83 -19.62 -13.21
C ASN B 22 -2.82 -18.56 -12.71
N ILE B 23 -2.29 -17.43 -12.26
CA ILE B 23 -3.13 -16.32 -11.79
C ILE B 23 -2.57 -15.02 -12.35
N LEU B 24 -3.43 -14.23 -12.99
CA LEU B 24 -3.00 -12.97 -13.56
C LEU B 24 -3.34 -11.85 -12.59
N ASN B 25 -2.36 -10.99 -12.32
CA ASN B 25 -2.51 -9.85 -11.42
C ASN B 25 -2.50 -8.53 -12.15
N CYS B 26 -3.32 -7.60 -11.69
CA CYS B 26 -3.35 -6.24 -12.23
C CYS B 26 -3.21 -5.33 -11.01
N TYR B 27 -1.99 -4.89 -10.75
CA TYR B 27 -1.68 -4.05 -9.60
C TYR B 27 -1.72 -2.58 -9.99
N VAL B 28 -2.70 -1.86 -9.45
CA VAL B 28 -2.90 -0.45 -9.73
C VAL B 28 -2.51 0.37 -8.52
N THR B 29 -1.60 1.31 -8.72
CA THR B 29 -1.10 2.13 -7.63
C THR B 29 -1.02 3.61 -7.94
N GLN B 30 -0.62 4.37 -6.94
CA GLN B 30 -0.41 5.81 -7.06
C GLN B 30 -1.54 6.68 -7.57
N PHE B 31 -2.79 6.28 -7.37
CA PHE B 31 -3.90 7.09 -7.86
C PHE B 31 -4.73 7.79 -6.79
N HIS B 32 -5.45 8.81 -7.24
CA HIS B 32 -6.34 9.64 -6.42
C HIS B 32 -7.20 10.43 -7.40
N PRO B 33 -8.51 10.54 -7.16
CA PRO B 33 -9.36 10.02 -6.07
C PRO B 33 -9.37 8.51 -5.97
N PRO B 34 -9.89 7.98 -4.85
CA PRO B 34 -9.93 6.52 -4.70
C PRO B 34 -10.86 5.80 -5.66
N HIS B 35 -11.95 6.46 -6.07
CA HIS B 35 -12.88 5.80 -6.98
C HIS B 35 -12.18 5.35 -8.26
N ILE B 36 -12.30 4.07 -8.59
CA ILE B 36 -11.65 3.54 -9.77
C ILE B 36 -12.36 2.29 -10.27
N GLU B 37 -12.29 2.06 -11.58
CA GLU B 37 -12.93 0.91 -12.21
C GLU B 37 -11.87 0.10 -12.95
N ILE B 38 -11.73 -1.16 -12.58
CA ILE B 38 -10.74 -2.04 -13.19
C ILE B 38 -11.38 -3.25 -13.86
N GLN B 39 -10.85 -3.63 -15.02
CA GLN B 39 -11.34 -4.79 -15.74
C GLN B 39 -10.15 -5.53 -16.30
N MET B 40 -10.26 -6.86 -16.34
CA MET B 40 -9.19 -7.67 -16.86
C MET B 40 -9.78 -8.35 -18.09
N LEU B 41 -8.97 -8.43 -19.15
CA LEU B 41 -9.43 -8.97 -20.40
C LEU B 41 -8.59 -10.10 -21.00
N LYS B 42 -9.28 -10.98 -21.71
CA LYS B 42 -8.66 -12.09 -22.41
C LYS B 42 -9.14 -11.85 -23.84
N ASN B 43 -8.22 -11.59 -24.75
CA ASN B 43 -8.56 -11.31 -26.14
C ASN B 43 -9.63 -10.23 -26.26
N GLY B 44 -9.54 -9.19 -25.43
CA GLY B 44 -10.48 -8.10 -25.50
C GLY B 44 -11.87 -8.37 -24.92
N LYS B 45 -12.02 -9.49 -24.22
CA LYS B 45 -13.30 -9.86 -23.62
C LYS B 45 -13.13 -9.86 -22.10
N LYS B 46 -14.07 -9.25 -21.39
CA LYS B 46 -13.98 -9.25 -19.94
C LYS B 46 -13.92 -10.67 -19.41
N ILE B 47 -13.03 -10.90 -18.46
CA ILE B 47 -12.89 -12.20 -17.86
C ILE B 47 -13.82 -12.22 -16.66
N PRO B 48 -14.64 -13.28 -16.53
CA PRO B 48 -15.58 -13.40 -15.41
C PRO B 48 -14.90 -13.77 -14.11
N LYS B 49 -15.60 -13.51 -13.00
CA LYS B 49 -15.12 -13.82 -11.66
C LYS B 49 -13.72 -13.28 -11.38
N VAL B 50 -13.50 -12.02 -11.74
CA VAL B 50 -12.23 -11.37 -11.49
C VAL B 50 -12.36 -10.94 -10.03
N GLU B 51 -11.33 -11.15 -9.24
CA GLU B 51 -11.41 -10.79 -7.84
C GLU B 51 -10.61 -9.53 -7.53
N MET B 52 -11.15 -8.71 -6.65
CA MET B 52 -10.51 -7.47 -6.27
C MET B 52 -10.17 -7.51 -4.80
N SER B 53 -8.97 -7.08 -4.44
CA SER B 53 -8.58 -7.03 -3.04
C SER B 53 -9.34 -5.81 -2.54
N ASP B 54 -9.17 -5.48 -1.27
CA ASP B 54 -9.81 -4.31 -0.72
C ASP B 54 -8.82 -3.18 -0.97
N MET B 55 -9.31 -1.94 -1.03
CA MET B 55 -8.42 -0.82 -1.29
C MET B 55 -7.65 -0.37 -0.06
N SER B 56 -6.51 0.27 -0.30
CA SER B 56 -5.66 0.75 0.79
C SER B 56 -4.91 1.93 0.20
N PHE B 57 -4.09 2.58 1.01
CA PHE B 57 -3.30 3.68 0.48
C PHE B 57 -1.90 3.62 1.06
N SER B 58 -0.95 4.20 0.34
CA SER B 58 0.44 4.18 0.79
C SER B 58 0.83 5.34 1.66
N LYS B 59 2.09 5.31 2.08
CA LYS B 59 2.67 6.32 2.94
C LYS B 59 2.55 7.71 2.32
N ASP B 60 2.54 7.77 0.99
CA ASP B 60 2.43 9.06 0.31
C ASP B 60 0.97 9.46 0.09
N TRP B 61 0.04 8.69 0.66
CA TRP B 61 -1.40 8.95 0.57
C TRP B 61 -2.10 8.39 -0.69
N SER B 62 -1.33 8.07 -1.72
CA SER B 62 -1.92 7.53 -2.94
C SER B 62 -2.51 6.16 -2.66
N PHE B 63 -3.64 5.85 -3.30
CA PHE B 63 -4.30 4.56 -3.11
C PHE B 63 -3.77 3.46 -4.03
N TYR B 64 -4.05 2.21 -3.65
CA TYR B 64 -3.66 1.07 -4.46
C TYR B 64 -4.63 -0.07 -4.23
N ILE B 65 -4.73 -0.96 -5.21
CA ILE B 65 -5.64 -2.08 -5.16
C ILE B 65 -5.11 -3.16 -6.08
N LEU B 66 -5.42 -4.41 -5.75
CA LEU B 66 -4.95 -5.53 -6.54
C LEU B 66 -6.11 -6.33 -7.12
N ALA B 67 -6.15 -6.45 -8.45
CA ALA B 67 -7.19 -7.23 -9.12
C ALA B 67 -6.49 -8.48 -9.60
N HIS B 68 -7.19 -9.62 -9.55
CA HIS B 68 -6.59 -10.85 -10.00
C HIS B 68 -7.64 -11.87 -10.41
N THR B 69 -7.25 -12.76 -11.30
CA THR B 69 -8.15 -13.79 -11.77
C THR B 69 -7.32 -14.98 -12.22
N GLU B 70 -7.98 -16.12 -12.36
CA GLU B 70 -7.31 -17.31 -12.82
C GLU B 70 -7.20 -17.22 -14.32
N PHE B 71 -6.13 -17.77 -14.88
CA PHE B 71 -5.95 -17.76 -16.32
C PHE B 71 -4.92 -18.80 -16.68
N THR B 72 -4.91 -19.17 -17.95
CA THR B 72 -3.97 -20.15 -18.45
C THR B 72 -3.32 -19.47 -19.64
N PRO B 73 -2.04 -19.15 -19.52
CA PRO B 73 -1.35 -18.49 -20.63
C PRO B 73 -1.13 -19.43 -21.82
N THR B 74 -1.20 -18.88 -23.02
CA THR B 74 -1.00 -19.66 -24.25
C THR B 74 -0.11 -18.85 -25.17
N GLU B 75 0.07 -19.37 -26.38
CA GLU B 75 0.90 -18.70 -27.38
C GLU B 75 0.13 -17.58 -28.10
N THR B 76 -1.17 -17.80 -28.28
CA THR B 76 -1.99 -16.85 -29.02
C THR B 76 -2.97 -15.94 -28.24
N ASP B 77 -3.45 -16.38 -27.08
CA ASP B 77 -4.38 -15.53 -26.32
C ASP B 77 -3.68 -14.32 -25.73
N THR B 78 -4.35 -13.17 -25.73
CA THR B 78 -3.78 -11.97 -25.14
C THR B 78 -4.53 -11.69 -23.84
N TYR B 79 -3.86 -11.04 -22.90
CA TYR B 79 -4.49 -10.68 -21.62
C TYR B 79 -4.13 -9.23 -21.33
N ALA B 80 -5.10 -8.48 -20.82
CA ALA B 80 -4.88 -7.08 -20.49
C ALA B 80 -5.69 -6.67 -19.28
N CYS B 81 -5.43 -5.45 -18.83
CA CYS B 81 -6.12 -4.86 -17.70
C CYS B 81 -6.50 -3.46 -18.16
N ARG B 82 -7.77 -3.12 -18.10
CA ARG B 82 -8.23 -1.81 -18.52
C ARG B 82 -8.66 -1.03 -17.30
N VAL B 83 -8.14 0.18 -17.15
CA VAL B 83 -8.47 1.00 -15.99
C VAL B 83 -9.16 2.32 -16.33
N LYS B 84 -10.27 2.56 -15.66
CA LYS B 84 -11.02 3.80 -15.86
C LYS B 84 -10.88 4.61 -14.56
N HIS B 85 -10.25 5.77 -14.65
CA HIS B 85 -10.03 6.64 -13.50
C HIS B 85 -10.21 8.10 -13.95
N ASP B 86 -10.80 8.93 -13.10
CA ASP B 86 -11.06 10.33 -13.42
C ASP B 86 -9.85 11.15 -13.81
N SER B 87 -8.66 10.60 -13.58
CA SER B 87 -7.43 11.30 -13.91
C SER B 87 -7.08 11.14 -15.39
N MET B 88 -7.84 10.31 -16.10
CA MET B 88 -7.59 10.08 -17.52
C MET B 88 -8.85 10.34 -18.33
N ALA B 89 -8.68 10.94 -19.51
CA ALA B 89 -9.83 11.26 -20.37
C ALA B 89 -10.55 9.99 -20.82
N GLU B 90 -9.81 8.90 -20.95
CA GLU B 90 -10.40 7.64 -21.37
C GLU B 90 -9.68 6.47 -20.69
N PRO B 91 -10.37 5.31 -20.60
CA PRO B 91 -9.81 4.11 -19.97
C PRO B 91 -8.44 3.74 -20.55
N LYS B 92 -7.54 3.31 -19.67
CA LYS B 92 -6.21 2.92 -20.13
C LYS B 92 -6.11 1.41 -20.11
N THR B 93 -5.69 0.84 -21.23
CA THR B 93 -5.54 -0.59 -21.36
C THR B 93 -4.08 -1.00 -21.43
N VAL B 94 -3.65 -1.84 -20.50
CA VAL B 94 -2.28 -2.33 -20.46
C VAL B 94 -2.27 -3.83 -20.71
N TYR B 95 -1.48 -4.26 -21.68
CA TYR B 95 -1.38 -5.68 -22.00
C TYR B 95 -0.36 -6.40 -21.14
N TRP B 96 -0.64 -7.68 -20.87
CA TRP B 96 0.28 -8.47 -20.09
C TRP B 96 1.46 -8.86 -20.96
N ASP B 97 2.67 -8.63 -20.44
CA ASP B 97 3.90 -8.96 -21.14
C ASP B 97 4.60 -9.95 -20.19
N ARG B 98 4.67 -11.21 -20.58
CA ARG B 98 5.29 -12.24 -19.75
C ARG B 98 6.75 -11.98 -19.39
N ASP B 99 7.42 -11.10 -20.12
CA ASP B 99 8.80 -10.80 -19.79
C ASP B 99 8.90 -9.65 -18.79
N MET B 100 7.76 -9.18 -18.32
CA MET B 100 7.71 -8.08 -17.35
C MET B 100 7.02 -8.50 -16.06
N SER C 1 -4.98 -2.21 18.64
CA SER C 1 -6.14 -1.42 19.13
C SER C 1 -6.14 -0.02 18.53
N SER C 2 -7.22 0.34 17.85
CA SER C 2 -7.32 1.64 17.20
C SER C 2 -7.48 2.85 18.11
N LEU C 3 -7.04 3.99 17.59
CA LEU C 3 -7.11 5.27 18.29
C LEU C 3 -8.47 5.94 18.07
N GLU C 4 -8.94 6.65 19.10
CA GLU C 4 -10.19 7.39 19.01
C GLU C 4 -9.80 8.85 19.05
N ASN C 5 -10.07 9.57 17.95
CA ASN C 5 -9.71 10.98 17.87
C ASN C 5 -10.25 11.85 18.98
N PHE C 6 -9.56 12.95 19.23
CA PHE C 6 -9.92 13.93 20.24
C PHE C 6 -11.24 14.58 19.82
N ALA C 7 -12.01 15.06 20.78
CA ALA C 7 -13.29 15.69 20.50
C ALA C 7 -13.23 16.78 19.45
N ALA C 8 -12.14 17.54 19.47
CA ALA C 8 -11.98 18.63 18.50
C ALA C 8 -11.80 18.14 17.07
N TYR C 9 -12.68 18.61 16.18
CA TYR C 9 -12.62 18.24 14.78
C TYR C 9 -11.59 19.12 14.06
N VAL C 10 -11.42 18.89 12.77
CA VAL C 10 -10.48 19.69 12.00
C VAL C 10 -10.97 21.12 11.91
#